data_5GQO
#
_entry.id   5GQO
#
_cell.length_a   73.610
_cell.length_b   73.610
_cell.length_c   216.210
_cell.angle_alpha   90.00
_cell.angle_beta   90.00
_cell.angle_gamma   120.00
#
_symmetry.space_group_name_H-M   'P 65 2 2'
#
loop_
_entity.id
_entity.type
_entity.pdbx_description
1 polymer 'Single-stranded DNA-binding protein'
2 non-polymer 'CALCIUM ION'
3 water water
#
_entity_poly.entity_id   1
_entity_poly.type   'polypeptide(L)'
_entity_poly.pdbx_seq_one_letter_code
;MGSSHHHHHHSSGLVPRGSHMNMFETPFTVVGNIITNPVRLRFGDQELYKFRVASNSRRRSPEGTWEPGNSLYVTVNCWG
NLARGVSASLGKGDSVVVVGHLYTNEYEDREGVRRSSVEVRATAVGPDLSRCIARVEKVQPSQGPRADAGGDPERVPDDD
VDRRDADDEPDDLADDDVADLAGDGLPLTA
;
_entity_poly.pdbx_strand_id   A,B
#
# COMPACT_ATOMS: atom_id res chain seq x y z
N GLU A 25 17.35 6.54 0.94
CA GLU A 25 17.51 5.78 -0.33
C GLU A 25 17.76 4.26 -0.11
N THR A 26 17.43 3.74 1.07
CA THR A 26 17.20 2.32 1.23
C THR A 26 15.69 2.00 1.18
N PRO A 27 15.16 1.69 0.01
CA PRO A 27 13.75 1.34 -0.06
C PRO A 27 13.34 0.14 0.79
N PHE A 28 12.08 0.15 1.21
CA PHE A 28 11.56 -0.81 2.14
C PHE A 28 9.99 -0.92 2.09
N THR A 29 9.50 -2.16 2.22
CA THR A 29 8.11 -2.45 2.21
C THR A 29 7.83 -3.37 3.39
N VAL A 30 6.78 -3.08 4.16
CA VAL A 30 6.32 -3.99 5.18
C VAL A 30 4.80 -4.10 5.12
N VAL A 31 4.30 -5.32 5.31
CA VAL A 31 2.88 -5.60 5.32
C VAL A 31 2.58 -6.14 6.72
N GLY A 32 1.61 -5.59 7.40
CA GLY A 32 1.36 -6.04 8.75
C GLY A 32 0.20 -5.33 9.38
N ASN A 33 0.39 -4.96 10.64
CA ASN A 33 -0.67 -4.38 11.43
C ASN A 33 -0.15 -3.25 12.26
N ILE A 34 -0.91 -2.16 12.34
CA ILE A 34 -0.60 -1.10 13.25
C ILE A 34 -0.89 -1.69 14.66
N ILE A 35 0.02 -1.52 15.59
CA ILE A 35 -0.14 -2.06 16.91
C ILE A 35 -0.06 -1.01 18.00
N THR A 36 0.09 0.25 17.65
CA THR A 36 -0.10 1.29 18.63
C THR A 36 -1.12 2.32 18.14
N ASN A 37 -1.60 3.13 19.09
CA ASN A 37 -2.45 4.24 18.75
C ASN A 37 -1.62 5.35 18.15
N PRO A 38 -1.88 5.68 16.87
CA PRO A 38 -1.01 6.63 16.26
C PRO A 38 -1.12 7.97 16.92
N VAL A 39 -0.08 8.75 16.73
CA VAL A 39 0.03 10.02 17.35
C VAL A 39 0.38 11.06 16.30
N ARG A 40 -0.28 12.20 16.40
CA ARG A 40 0.04 13.34 15.57
C ARG A 40 0.96 14.26 16.32
N LEU A 41 1.90 14.85 15.60
CA LEU A 41 2.82 15.83 16.11
C LEU A 41 3.00 16.92 15.06
N ARG A 42 3.11 18.17 15.53
CA ARG A 42 3.23 19.31 14.64
C ARG A 42 4.60 20.03 14.72
N PHE A 43 4.99 20.66 13.62
CA PHE A 43 6.21 21.46 13.52
C PHE A 43 5.88 22.61 12.58
N GLY A 44 5.17 23.58 13.13
CA GLY A 44 4.62 24.70 12.38
C GLY A 44 3.76 24.32 11.18
N ASP A 45 4.27 24.63 10.00
CA ASP A 45 3.63 24.33 8.70
C ASP A 45 3.26 22.83 8.55
N GLN A 46 4.11 21.96 9.12
CA GLN A 46 4.20 20.51 8.88
C GLN A 46 3.64 19.57 9.97
N GLU A 47 3.21 18.38 9.52
CA GLU A 47 2.57 17.40 10.41
C GLU A 47 3.15 15.99 10.22
N LEU A 48 3.34 15.34 11.36
CA LEU A 48 3.82 13.99 11.44
C LEU A 48 2.77 13.10 12.05
N TYR A 49 2.59 11.91 11.47
CA TYR A 49 1.72 10.91 12.05
C TYR A 49 2.53 9.62 12.11
N LYS A 50 2.68 9.11 13.33
CA LYS A 50 3.65 8.14 13.77
C LYS A 50 2.94 6.96 14.36
N PHE A 51 3.35 5.76 14.05
CA PHE A 51 2.77 4.59 14.67
C PHE A 51 3.70 3.39 14.49
N ARG A 52 3.42 2.31 15.21
CA ARG A 52 4.24 1.13 15.17
C ARG A 52 3.55 0.08 14.37
N VAL A 53 4.34 -0.66 13.61
CA VAL A 53 3.80 -1.75 12.80
C VAL A 53 4.52 -3.05 13.14
N ALA A 54 3.74 -4.11 13.20
CA ALA A 54 4.21 -5.48 13.35
C ALA A 54 3.94 -6.29 12.08
N SER A 55 4.93 -7.11 11.72
CA SER A 55 4.82 -8.10 10.67
C SER A 55 4.79 -9.59 11.11
N ASN A 56 4.41 -10.42 10.16
CA ASN A 56 3.82 -11.77 10.35
C ASN A 56 4.80 -12.96 10.05
N SER A 71 9.50 -12.24 13.18
CA SER A 71 8.71 -11.03 13.45
C SER A 71 9.51 -9.70 13.34
N LEU A 72 8.84 -8.67 12.83
CA LEU A 72 9.46 -7.35 12.69
C LEU A 72 8.58 -6.24 13.29
N TYR A 73 9.18 -5.37 14.12
CA TYR A 73 8.53 -4.22 14.72
C TYR A 73 9.23 -3.01 14.22
N VAL A 74 8.50 -2.05 13.67
CA VAL A 74 9.13 -0.85 13.15
C VAL A 74 8.19 0.38 13.36
N THR A 75 8.77 1.53 13.62
CA THR A 75 8.06 2.75 13.72
C THR A 75 7.93 3.36 12.32
N VAL A 76 6.72 3.80 11.93
CA VAL A 76 6.46 4.35 10.61
C VAL A 76 6.11 5.82 10.79
N ASN A 77 6.66 6.66 9.94
CA ASN A 77 6.47 8.08 10.04
C ASN A 77 5.83 8.56 8.78
N CYS A 78 4.66 9.17 8.88
CA CYS A 78 4.04 9.78 7.71
C CYS A 78 4.01 11.32 7.84
N TRP A 79 4.20 11.99 6.73
CA TRP A 79 4.28 13.44 6.70
C TRP A 79 3.32 13.94 5.64
N GLY A 80 2.91 15.19 5.77
CA GLY A 80 2.14 15.83 4.70
C GLY A 80 0.80 15.15 4.39
N ASN A 81 0.50 15.08 3.10
CA ASN A 81 -0.69 14.48 2.63
C ASN A 81 -0.81 13.01 3.02
N LEU A 82 0.33 12.35 3.22
CA LEU A 82 0.31 11.01 3.71
C LEU A 82 -0.13 10.95 5.18
N ALA A 83 0.33 11.89 5.99
CA ALA A 83 -0.09 11.95 7.38
C ALA A 83 -1.59 12.16 7.42
N ARG A 84 -2.09 12.95 6.50
CA ARG A 84 -3.52 13.18 6.38
C ARG A 84 -4.31 11.96 6.05
N GLY A 85 -4.04 11.36 4.88
CA GLY A 85 -4.73 10.12 4.44
C GLY A 85 -4.74 9.04 5.51
N VAL A 86 -3.60 8.88 6.17
CA VAL A 86 -3.50 7.83 7.15
C VAL A 86 -4.26 8.11 8.43
N SER A 87 -4.19 9.35 8.95
CA SER A 87 -4.97 9.69 10.19
C SER A 87 -6.47 9.64 9.93
N ALA A 88 -6.88 10.02 8.74
CA ALA A 88 -8.30 10.00 8.33
C ALA A 88 -8.87 8.60 8.11
N SER A 89 -8.01 7.62 7.86
CA SER A 89 -8.43 6.31 7.43
C SER A 89 -8.09 5.14 8.35
N LEU A 90 -6.99 5.18 9.11
CA LEU A 90 -6.51 3.94 9.80
C LEU A 90 -6.37 4.10 11.31
N GLY A 91 -6.18 3.01 12.05
CA GLY A 91 -5.98 3.04 13.49
C GLY A 91 -5.45 1.73 14.04
N LYS A 92 -5.21 1.68 15.35
CA LYS A 92 -4.66 0.52 16.04
C LYS A 92 -5.42 -0.71 15.60
N GLY A 93 -4.69 -1.76 15.24
CA GLY A 93 -5.31 -3.01 14.84
C GLY A 93 -5.53 -3.15 13.36
N ASP A 94 -5.47 -2.07 12.60
CA ASP A 94 -5.66 -2.18 11.16
C ASP A 94 -4.47 -2.86 10.49
N SER A 95 -4.81 -3.58 9.45
CA SER A 95 -3.89 -4.29 8.65
C SER A 95 -3.47 -3.31 7.56
N VAL A 96 -2.17 -3.23 7.31
CA VAL A 96 -1.59 -2.11 6.58
C VAL A 96 -0.50 -2.57 5.57
N VAL A 97 -0.35 -1.83 4.48
CA VAL A 97 0.76 -1.99 3.54
C VAL A 97 1.52 -0.70 3.66
N VAL A 98 2.82 -0.77 3.94
CA VAL A 98 3.67 0.42 4.09
C VAL A 98 4.86 0.34 3.13
N VAL A 99 5.06 1.42 2.39
CA VAL A 99 6.18 1.56 1.53
C VAL A 99 6.94 2.82 1.89
N GLY A 100 8.26 2.75 1.93
CA GLY A 100 9.07 3.95 2.05
C GLY A 100 10.55 3.69 2.09
N HIS A 101 11.26 4.40 2.97
CA HIS A 101 12.69 4.26 3.09
C HIS A 101 13.04 4.02 4.52
N LEU A 102 14.00 3.13 4.72
CA LEU A 102 14.37 2.71 6.06
C LEU A 102 15.59 3.46 6.54
N TYR A 103 15.63 3.79 7.81
CA TYR A 103 16.79 4.54 8.33
C TYR A 103 16.92 4.29 9.81
N THR A 104 18.08 4.68 10.34
CA THR A 104 18.32 4.56 11.79
C THR A 104 18.27 5.95 12.41
N ASN A 105 17.62 6.03 13.57
CA ASN A 105 17.44 7.28 14.27
C ASN A 105 18.06 7.10 15.63
N GLU A 106 19.11 7.91 15.90
CA GLU A 106 19.86 7.90 17.17
C GLU A 106 19.28 8.95 18.11
N TYR A 107 19.26 8.66 19.42
CA TYR A 107 18.62 9.53 20.45
C TYR A 107 18.96 9.12 21.95
N GLU A 108 18.55 9.96 22.92
CA GLU A 108 18.92 9.79 24.35
C GLU A 108 18.03 8.76 25.08
N ARG A 115 19.95 5.30 23.11
CA ARG A 115 19.65 4.20 22.19
C ARG A 115 19.67 4.70 20.71
N SER A 116 19.45 3.78 19.77
CA SER A 116 19.21 4.11 18.36
C SER A 116 18.21 3.07 17.84
N SER A 117 17.26 3.51 17.02
CA SER A 117 16.19 2.63 16.58
C SER A 117 15.88 2.78 15.08
N VAL A 118 15.19 1.78 14.53
CA VAL A 118 15.01 1.70 13.11
C VAL A 118 13.58 2.14 12.75
N GLU A 119 13.49 3.05 11.78
CA GLU A 119 12.22 3.69 11.47
C GLU A 119 12.01 3.79 9.99
N VAL A 120 10.74 3.93 9.56
CA VAL A 120 10.42 4.09 8.15
C VAL A 120 9.95 5.48 7.86
N ARG A 121 10.53 6.13 6.86
CA ARG A 121 9.95 7.33 6.34
C ARG A 121 9.02 6.92 5.19
N ALA A 122 7.72 6.86 5.47
CA ALA A 122 6.77 6.29 4.51
C ALA A 122 6.55 7.23 3.38
N THR A 123 6.41 6.64 2.20
CA THR A 123 5.99 7.36 1.01
C THR A 123 4.57 6.98 0.56
N ALA A 124 4.11 5.78 0.89
CA ALA A 124 2.75 5.32 0.56
C ALA A 124 2.30 4.33 1.61
N VAL A 125 1.07 4.47 2.07
CA VAL A 125 0.49 3.57 3.01
C VAL A 125 -0.94 3.31 2.58
N GLY A 126 -1.39 2.09 2.73
CA GLY A 126 -2.75 1.73 2.42
C GLY A 126 -3.18 0.62 3.34
N PRO A 127 -4.50 0.46 3.52
CA PRO A 127 -5.03 -0.74 4.15
C PRO A 127 -4.83 -1.96 3.26
N ASP A 128 -4.65 -3.13 3.85
CA ASP A 128 -4.38 -4.34 3.09
C ASP A 128 -5.75 -4.87 2.77
N LEU A 129 -6.15 -4.75 1.52
CA LEU A 129 -7.46 -5.24 1.07
C LEU A 129 -7.61 -6.77 1.00
N SER A 130 -6.60 -7.53 1.40
CA SER A 130 -6.80 -8.95 1.57
C SER A 130 -7.53 -9.21 2.88
N ARG A 131 -7.56 -8.23 3.77
CA ARG A 131 -8.07 -8.43 5.14
C ARG A 131 -9.23 -7.47 5.47
N CYS A 132 -9.71 -6.71 4.48
CA CYS A 132 -10.72 -5.64 4.69
C CYS A 132 -11.23 -5.07 3.35
N ILE A 133 -12.11 -4.08 3.42
CA ILE A 133 -12.69 -3.38 2.27
C ILE A 133 -12.54 -1.87 2.50
N ALA A 134 -12.52 -1.08 1.43
CA ALA A 134 -12.37 0.35 1.59
C ALA A 134 -13.25 1.18 0.62
N ARG A 135 -13.86 2.25 1.15
CA ARG A 135 -14.46 3.30 0.31
C ARG A 135 -13.39 4.36 0.13
N VAL A 136 -13.04 4.66 -1.11
CA VAL A 136 -11.93 5.55 -1.44
C VAL A 136 -12.52 6.91 -1.78
N GLU A 137 -12.00 7.99 -1.21
CA GLU A 137 -12.50 9.34 -1.48
C GLU A 137 -11.32 10.22 -1.80
N LYS A 138 -11.47 10.99 -2.84
CA LYS A 138 -10.43 11.85 -3.31
C LYS A 138 -10.60 13.15 -2.53
N VAL A 139 -9.51 13.86 -2.32
CA VAL A 139 -9.57 15.14 -1.61
C VAL A 139 -9.41 16.31 -2.56
N GLN A 140 -10.47 17.04 -2.84
CA GLN A 140 -10.40 18.19 -3.77
C GLN A 140 -9.32 19.22 -3.35
N PRO A 141 -8.49 19.70 -4.32
CA PRO A 141 -7.24 20.39 -3.93
C PRO A 141 -7.47 21.83 -3.45
N PHE B 24 12.42 -19.35 -3.41
CA PHE B 24 13.23 -18.15 -3.81
C PHE B 24 12.49 -17.23 -4.82
N GLU B 25 11.29 -16.78 -4.47
CA GLU B 25 10.48 -15.93 -5.34
C GLU B 25 11.13 -14.53 -5.40
N THR B 26 10.74 -13.71 -6.36
CA THR B 26 11.27 -12.33 -6.44
C THR B 26 10.25 -11.27 -5.89
N PRO B 27 10.50 -10.74 -4.69
CA PRO B 27 9.51 -9.81 -4.14
C PRO B 27 9.50 -8.50 -4.90
N PHE B 28 8.37 -7.83 -4.89
CA PHE B 28 8.16 -6.67 -5.69
C PHE B 28 7.10 -5.77 -5.07
N THR B 29 7.34 -4.45 -5.22
CA THR B 29 6.42 -3.44 -4.82
C THR B 29 6.29 -2.40 -5.90
N VAL B 30 5.07 -2.01 -6.23
CA VAL B 30 4.84 -0.90 -7.15
C VAL B 30 3.75 0.03 -6.59
N VAL B 31 3.96 1.31 -6.77
CA VAL B 31 2.99 2.33 -6.36
C VAL B 31 2.57 3.09 -7.63
N GLY B 32 1.29 3.26 -7.87
CA GLY B 32 0.86 3.95 -9.07
C GLY B 32 -0.65 4.06 -9.15
N ASN B 33 -1.19 3.70 -10.31
CA ASN B 33 -2.60 3.82 -10.61
C ASN B 33 -3.06 2.64 -11.43
N ILE B 34 -4.25 2.17 -11.15
CA ILE B 34 -4.88 1.19 -12.00
C ILE B 34 -5.26 1.94 -13.25
N ILE B 35 -4.94 1.39 -14.43
CA ILE B 35 -5.23 2.09 -15.68
C ILE B 35 -6.11 1.28 -16.63
N THR B 36 -6.58 0.12 -16.20
CA THR B 36 -7.63 -0.56 -16.97
C THR B 36 -8.80 -0.93 -16.07
N ASN B 37 -9.92 -1.27 -16.70
CA ASN B 37 -11.04 -1.83 -15.94
C ASN B 37 -10.70 -3.24 -15.55
N PRO B 38 -10.73 -3.52 -14.26
CA PRO B 38 -10.34 -4.85 -13.88
C PRO B 38 -11.29 -5.92 -14.43
N VAL B 39 -10.74 -7.12 -14.55
CA VAL B 39 -11.39 -8.26 -15.13
C VAL B 39 -11.50 -9.35 -14.06
N ARG B 40 -12.71 -9.86 -13.84
CA ARG B 40 -12.91 -10.97 -12.94
C ARG B 40 -12.99 -12.28 -13.74
N LEU B 41 -12.42 -13.33 -13.17
CA LEU B 41 -12.48 -14.67 -13.71
C LEU B 41 -12.64 -15.64 -12.56
N ARG B 42 -13.59 -16.58 -12.70
CA ARG B 42 -13.81 -17.61 -11.66
C ARG B 42 -13.37 -19.01 -12.12
N PHE B 43 -12.85 -19.77 -11.15
CA PHE B 43 -12.35 -21.16 -11.37
C PHE B 43 -12.75 -22.07 -10.22
N GLY B 44 -13.87 -22.80 -10.40
CA GLY B 44 -14.59 -23.36 -9.27
C GLY B 44 -14.60 -22.37 -8.10
N ASP B 45 -13.97 -22.80 -7.01
CA ASP B 45 -13.92 -22.06 -5.72
C ASP B 45 -13.29 -20.67 -5.84
N GLN B 46 -12.26 -20.59 -6.68
CA GLN B 46 -11.28 -19.50 -6.68
C GLN B 46 -11.65 -18.32 -7.58
N GLU B 47 -11.14 -17.16 -7.24
CA GLU B 47 -11.47 -15.94 -7.98
C GLU B 47 -10.19 -15.19 -8.33
N LEU B 48 -10.12 -14.71 -9.56
CA LEU B 48 -9.05 -13.87 -9.99
C LEU B 48 -9.60 -12.49 -10.34
N TYR B 49 -8.88 -11.45 -9.93
CA TYR B 49 -9.19 -10.11 -10.33
C TYR B 49 -7.91 -9.47 -10.75
N LYS B 50 -7.87 -9.03 -11.98
CA LYS B 50 -6.65 -8.62 -12.55
C LYS B 50 -6.79 -7.33 -13.32
N PHE B 51 -5.70 -6.59 -13.40
CA PHE B 51 -5.78 -5.26 -13.94
C PHE B 51 -4.40 -4.77 -14.22
N ARG B 52 -4.32 -3.64 -14.88
CA ARG B 52 -3.04 -3.10 -15.29
C ARG B 52 -2.69 -1.90 -14.41
N VAL B 53 -1.42 -1.77 -14.04
CA VAL B 53 -0.95 -0.66 -13.19
C VAL B 53 0.18 0.10 -13.88
N ALA B 54 0.09 1.43 -13.80
CA ALA B 54 1.13 2.33 -14.26
C ALA B 54 1.73 3.00 -13.05
N SER B 55 3.05 3.05 -13.04
CA SER B 55 3.71 3.71 -11.95
C SER B 55 3.92 5.19 -12.17
N ASN B 56 3.63 5.92 -11.08
CA ASN B 56 3.70 7.39 -10.97
C ASN B 56 5.15 8.02 -10.97
N SER B 57 6.01 7.66 -11.94
CA SER B 57 7.38 8.18 -11.95
C SER B 57 7.35 9.61 -12.47
N ARG B 58 8.38 10.37 -12.12
CA ARG B 58 8.35 11.80 -12.34
C ARG B 58 9.61 12.25 -13.02
N ARG B 59 9.42 13.03 -14.09
CA ARG B 59 10.48 13.82 -14.69
C ARG B 59 10.05 15.28 -14.97
N ARG B 60 11.01 16.21 -14.92
CA ARG B 60 10.81 17.67 -15.10
C ARG B 60 11.81 18.23 -16.13
N ASN B 70 10.09 8.30 -16.10
CA ASN B 70 10.26 6.89 -16.61
C ASN B 70 9.20 5.84 -16.19
N SER B 71 8.34 5.40 -17.10
CA SER B 71 7.16 4.62 -16.70
C SER B 71 7.36 3.08 -16.60
N LEU B 72 6.54 2.52 -15.72
CA LEU B 72 6.45 1.09 -15.52
C LEU B 72 4.99 0.65 -15.62
N TYR B 73 4.71 -0.31 -16.51
CA TYR B 73 3.40 -0.90 -16.71
C TYR B 73 3.48 -2.37 -16.34
N VAL B 74 2.58 -2.84 -15.49
CA VAL B 74 2.52 -4.27 -15.15
C VAL B 74 1.11 -4.76 -14.93
N THR B 75 0.88 -6.04 -15.17
CA THR B 75 -0.40 -6.66 -14.93
C THR B 75 -0.33 -7.19 -13.49
N VAL B 76 -1.37 -6.94 -12.70
CA VAL B 76 -1.45 -7.40 -11.32
C VAL B 76 -2.54 -8.45 -11.23
N ASN B 77 -2.31 -9.52 -10.50
CA ASN B 77 -3.27 -10.57 -10.34
C ASN B 77 -3.60 -10.71 -8.88
N CYS B 78 -4.86 -10.54 -8.51
CA CYS B 78 -5.28 -10.78 -7.16
C CYS B 78 -6.21 -12.02 -7.08
N TRP B 79 -6.06 -12.77 -6.01
CA TRP B 79 -6.74 -14.04 -5.84
C TRP B 79 -7.41 -14.04 -4.49
N GLY B 80 -8.45 -14.82 -4.34
CA GLY B 80 -8.97 -15.09 -3.00
C GLY B 80 -9.61 -13.89 -2.35
N ASN B 81 -9.37 -13.76 -1.05
CA ASN B 81 -9.82 -12.62 -0.33
C ASN B 81 -9.29 -11.27 -0.90
N LEU B 82 -8.09 -11.30 -1.50
CA LEU B 82 -7.52 -10.12 -2.06
C LEU B 82 -8.29 -9.73 -3.30
N ALA B 83 -8.71 -10.68 -4.10
CA ALA B 83 -9.56 -10.38 -5.24
C ALA B 83 -10.87 -9.73 -4.80
N ARG B 84 -11.42 -10.22 -3.70
CA ARG B 84 -12.67 -9.68 -3.17
C ARG B 84 -12.53 -8.25 -2.65
N GLY B 85 -11.59 -8.02 -1.76
CA GLY B 85 -11.31 -6.67 -1.27
C GLY B 85 -11.08 -5.68 -2.38
N VAL B 86 -10.31 -6.08 -3.38
CA VAL B 86 -9.92 -5.16 -4.43
C VAL B 86 -11.10 -4.85 -5.32
N SER B 87 -11.92 -5.83 -5.66
CA SER B 87 -13.07 -5.57 -6.57
C SER B 87 -14.15 -4.71 -5.88
N ALA B 88 -14.33 -4.92 -4.59
CA ALA B 88 -15.22 -4.08 -3.79
C ALA B 88 -14.73 -2.63 -3.57
N SER B 89 -13.43 -2.39 -3.69
CA SER B 89 -12.83 -1.15 -3.24
C SER B 89 -12.21 -0.27 -4.32
N LEU B 90 -11.65 -0.84 -5.38
CA LEU B 90 -10.86 -0.07 -6.34
C LEU B 90 -11.24 -0.31 -7.81
N GLY B 91 -10.88 0.63 -8.67
CA GLY B 91 -11.27 0.56 -10.07
C GLY B 91 -10.38 1.46 -10.90
N LYS B 92 -10.65 1.54 -12.19
CA LYS B 92 -9.84 2.30 -13.12
C LYS B 92 -9.62 3.72 -12.61
N GLY B 93 -8.37 4.18 -12.68
CA GLY B 93 -8.01 5.51 -12.23
C GLY B 93 -7.52 5.55 -10.78
N ASP B 94 -7.88 4.59 -9.94
CA ASP B 94 -7.55 4.71 -8.53
C ASP B 94 -6.04 4.53 -8.33
N SER B 95 -5.57 5.21 -7.31
CA SER B 95 -4.18 5.16 -6.93
C SER B 95 -4.01 3.87 -6.16
N VAL B 96 -2.90 3.17 -6.30
CA VAL B 96 -2.69 1.87 -5.65
C VAL B 96 -1.30 1.67 -5.13
N VAL B 97 -1.22 0.85 -4.07
CA VAL B 97 0.04 0.28 -3.57
C VAL B 97 -0.12 -1.21 -3.79
N VAL B 98 0.83 -1.83 -4.50
CA VAL B 98 0.78 -3.26 -4.77
C VAL B 98 2.07 -3.94 -4.28
N VAL B 99 1.90 -4.97 -3.47
CA VAL B 99 2.99 -5.78 -2.99
C VAL B 99 2.78 -7.23 -3.39
N GLY B 100 3.84 -7.92 -3.84
CA GLY B 100 3.74 -9.34 -4.13
C GLY B 100 5.01 -9.94 -4.71
N HIS B 101 4.88 -10.73 -5.75
CA HIS B 101 6.02 -11.35 -6.37
C HIS B 101 5.93 -11.19 -7.84
N LEU B 102 7.07 -11.00 -8.50
CA LEU B 102 7.07 -10.72 -9.94
C LEU B 102 7.41 -11.95 -10.81
N TYR B 103 6.77 -12.08 -11.96
CA TYR B 103 6.83 -13.29 -12.81
C TYR B 103 6.90 -12.83 -14.22
N THR B 104 7.57 -13.59 -15.09
CA THR B 104 7.39 -13.41 -16.53
C THR B 104 6.69 -14.65 -17.06
N ASN B 105 5.73 -14.40 -17.93
CA ASN B 105 5.00 -15.43 -18.65
C ASN B 105 5.30 -15.30 -20.11
N GLU B 106 5.86 -16.36 -20.72
CA GLU B 106 6.28 -16.31 -22.14
C GLU B 106 5.10 -16.51 -23.12
N TYR B 107 3.96 -17.04 -22.62
CA TYR B 107 2.70 -17.39 -23.41
C TYR B 107 2.75 -17.33 -24.97
N SER B 116 5.42 -12.60 -24.39
CA SER B 116 6.01 -12.53 -23.03
C SER B 116 5.57 -11.31 -22.21
N SER B 117 4.97 -11.54 -21.04
CA SER B 117 4.36 -10.47 -20.24
C SER B 117 4.78 -10.55 -18.77
N VAL B 118 4.96 -9.39 -18.17
CA VAL B 118 5.46 -9.29 -16.81
C VAL B 118 4.31 -9.04 -15.87
N GLU B 119 4.18 -9.89 -14.85
CA GLU B 119 2.99 -9.91 -14.03
C GLU B 119 3.31 -10.02 -12.58
N VAL B 120 2.44 -9.48 -11.74
CA VAL B 120 2.61 -9.53 -10.33
C VAL B 120 1.58 -10.45 -9.69
N ARG B 121 2.03 -11.41 -8.87
CA ARG B 121 1.09 -12.13 -8.03
C ARG B 121 1.01 -11.35 -6.74
N ALA B 122 -0.06 -10.58 -6.59
CA ALA B 122 -0.19 -9.70 -5.44
C ALA B 122 -0.53 -10.47 -4.19
N THR B 123 0.05 -9.97 -3.10
CA THR B 123 -0.15 -10.42 -1.73
C THR B 123 -0.91 -9.39 -0.90
N ALA B 124 -0.69 -8.10 -1.18
CA ALA B 124 -1.41 -7.03 -0.52
C ALA B 124 -1.56 -5.90 -1.51
N VAL B 125 -2.76 -5.33 -1.54
CA VAL B 125 -3.03 -4.20 -2.37
C VAL B 125 -3.84 -3.26 -1.52
N GLY B 126 -3.61 -1.98 -1.68
CA GLY B 126 -4.38 -0.99 -0.97
C GLY B 126 -4.38 0.25 -1.81
N PRO B 127 -5.31 1.17 -1.55
CA PRO B 127 -5.25 2.51 -2.10
C PRO B 127 -4.04 3.29 -1.48
N ASP B 128 -3.49 4.24 -2.20
CA ASP B 128 -2.33 5.03 -1.72
C ASP B 128 -2.88 6.19 -0.95
N LEU B 129 -2.77 6.14 0.38
CA LEU B 129 -3.27 7.20 1.26
C LEU B 129 -2.46 8.51 1.23
N SER B 130 -1.42 8.60 0.41
CA SER B 130 -0.79 9.91 0.15
C SER B 130 -1.61 10.71 -0.84
N ARG B 131 -2.52 10.04 -1.54
CA ARG B 131 -3.24 10.66 -2.62
C ARG B 131 -4.76 10.53 -2.47
N CYS B 132 -5.22 10.03 -1.33
CA CYS B 132 -6.65 9.79 -1.14
C CYS B 132 -6.97 9.51 0.32
N ILE B 133 -8.24 9.21 0.60
CA ILE B 133 -8.70 8.80 1.93
C ILE B 133 -9.46 7.47 1.76
N ALA B 134 -9.49 6.67 2.79
CA ALA B 134 -10.23 5.42 2.78
C ALA B 134 -10.99 5.20 4.06
N ARG B 135 -12.25 4.84 3.88
CA ARG B 135 -13.12 4.45 4.95
C ARG B 135 -13.12 2.90 4.94
N VAL B 136 -12.50 2.34 5.97
CA VAL B 136 -12.14 0.92 6.01
C VAL B 136 -13.29 0.14 6.66
N GLU B 137 -13.71 -1.01 6.13
CA GLU B 137 -14.74 -1.92 6.76
C GLU B 137 -14.22 -3.40 6.75
N LYS B 138 -14.45 -4.22 7.78
CA LYS B 138 -13.99 -5.66 7.77
C LYS B 138 -15.16 -6.62 7.72
#